data_2RFI
#
_entry.id   2RFI
#
_cell.length_a   84.593
_cell.length_b   85.627
_cell.length_c   95.670
_cell.angle_alpha   90.00
_cell.angle_beta   90.00
_cell.angle_gamma   90.00
#
_symmetry.space_group_name_H-M   'P 21 21 21'
#
loop_
_entity.id
_entity.type
_entity.pdbx_description
1 polymer 'Histone-lysine N-methyltransferase, H3 lysine-9 specific 5'
2 polymer 'Histone H3'
3 non-polymer 'ZINC ION'
4 non-polymer S-ADENOSYL-L-HOMOCYSTEINE
5 water water
#
loop_
_entity_poly.entity_id
_entity_poly.type
_entity_poly.pdbx_seq_one_letter_code
_entity_poly.pdbx_strand_id
1 'polypeptide(L)'
;NSQVWSALQMSKALQDSAPDRPSPVERIVSRDIARGYERIPIPCVNAVDSEPCPSNYKYVSQNCVTSPMNIDRNITHLQY
CVCIDDCSSSNCMCGQLSMRCWYDKDGRLLPEFNMAEPPLIFECNHACSCWRNCRNRVVQNGLRARLQLYRTRDMGWGVR
SLQDIPPGTFVCEYVGELISDSEADVREEDSYLFDLDNKDGEVYCIDARFYGNVSRFINHHCEPNLVPVRVFMAHQDLRF
PRIAFFSTRLIEAGEQLGFDYGERFWDIKGKLFSCRCGSPKCRHS
;
A,B
2 'polypeptide(L)' TKQTAR(MLY)STGG P,Q
#
loop_
_chem_comp.id
_chem_comp.type
_chem_comp.name
_chem_comp.formula
ZN non-polymer 'ZINC ION' 'Zn 2'
#
# COMPACT_ATOMS: atom_id res chain seq x y z
N VAL A 25 32.60 20.74 8.36
CA VAL A 25 31.80 21.15 7.16
C VAL A 25 30.80 20.03 6.77
N GLU A 26 29.80 20.35 5.96
CA GLU A 26 28.73 19.39 5.64
C GLU A 26 29.14 18.31 4.64
N ARG A 27 28.89 17.06 5.02
CA ARG A 27 29.07 15.90 4.17
C ARG A 27 27.71 15.24 3.96
N ILE A 28 27.39 14.91 2.71
CA ILE A 28 26.15 14.18 2.44
C ILE A 28 26.48 12.70 2.57
N VAL A 29 25.90 12.06 3.59
CA VAL A 29 26.22 10.65 3.88
C VAL A 29 25.18 9.65 3.32
N SER A 30 24.06 10.15 2.82
CA SER A 30 23.15 9.31 2.04
C SER A 30 22.30 10.16 1.12
N ARG A 31 22.16 9.68 -0.13
CA ARG A 31 21.30 10.25 -1.15
C ARG A 31 19.84 10.18 -0.70
N ASP A 32 19.50 9.10 0.00
CA ASP A 32 18.11 8.82 0.34
C ASP A 32 18.07 7.69 1.35
N ILE A 33 17.74 8.02 2.59
CA ILE A 33 17.65 6.98 3.63
C ILE A 33 16.53 5.97 3.36
N ALA A 34 15.55 6.38 2.53
CA ALA A 34 14.41 5.53 2.22
C ALA A 34 14.59 4.60 1.02
N ARG A 35 15.75 4.62 0.37
N ARG A 35 15.77 4.68 0.40
CA ARG A 35 16.00 3.70 -0.76
CA ARG A 35 16.11 3.90 -0.80
C ARG A 35 14.91 3.77 -1.85
C ARG A 35 14.94 3.80 -1.79
N GLY A 36 14.32 4.94 -2.07
CA GLY A 36 13.32 5.07 -3.14
C GLY A 36 11.90 4.70 -2.76
N TYR A 37 11.69 4.42 -1.47
CA TYR A 37 10.35 4.04 -0.98
C TYR A 37 9.40 5.22 -0.73
N GLU A 38 9.93 6.43 -0.73
CA GLU A 38 9.07 7.60 -0.58
C GLU A 38 8.96 8.33 -1.92
N ARG A 39 8.03 9.29 -2.01
CA ARG A 39 7.79 10.04 -3.25
C ARG A 39 8.98 10.94 -3.60
N ILE A 40 9.74 11.34 -2.59
CA ILE A 40 10.98 12.08 -2.80
C ILE A 40 12.12 11.48 -1.98
N PRO A 41 13.38 11.81 -2.32
CA PRO A 41 14.48 11.34 -1.46
C PRO A 41 14.48 12.03 -0.09
N ILE A 42 14.96 11.31 0.91
CA ILE A 42 15.24 11.90 2.23
C ILE A 42 16.73 11.75 2.46
N PRO A 43 17.51 12.78 2.08
CA PRO A 43 18.96 12.65 2.24
C PRO A 43 19.37 12.72 3.71
N CYS A 44 20.59 12.29 3.99
CA CYS A 44 21.16 12.43 5.32
C CYS A 44 22.47 13.19 5.18
N VAL A 45 22.66 14.17 6.05
CA VAL A 45 23.90 14.96 6.03
C VAL A 45 24.52 15.03 7.42
N ASN A 46 25.81 15.34 7.47
CA ASN A 46 26.49 15.43 8.75
C ASN A 46 27.51 16.56 8.65
N ALA A 47 27.19 17.66 9.34
CA ALA A 47 28.08 18.82 9.41
C ALA A 47 28.77 18.91 10.78
N VAL A 48 28.80 17.81 11.53
CA VAL A 48 29.20 17.85 12.94
C VAL A 48 30.38 16.95 13.27
N ASP A 49 30.31 15.71 12.80
CA ASP A 49 31.32 14.71 13.13
C ASP A 49 31.50 13.70 11.99
N SER A 50 32.21 12.61 12.28
CA SER A 50 32.62 11.66 11.26
C SER A 50 31.63 10.50 11.03
N GLU A 51 30.54 10.47 11.80
CA GLU A 51 29.54 9.40 11.71
C GLU A 51 28.92 9.30 10.31
N PRO A 52 28.80 8.06 9.79
CA PRO A 52 28.06 7.85 8.56
C PRO A 52 26.55 7.82 8.83
N CYS A 53 25.77 7.61 7.79
CA CYS A 53 24.32 7.52 7.89
C CYS A 53 23.98 6.38 8.85
N PRO A 54 23.05 6.61 9.80
CA PRO A 54 22.65 5.55 10.73
C PRO A 54 22.12 4.32 10.01
N SER A 55 22.55 3.12 10.42
CA SER A 55 22.19 1.90 9.72
C SER A 55 21.78 0.76 10.66
N ASN A 56 21.50 1.09 11.92
CA ASN A 56 21.18 0.08 12.93
C ASN A 56 19.68 -0.14 13.05
N TYR A 57 18.97 0.10 11.96
CA TYR A 57 17.53 -0.14 11.90
C TYR A 57 17.19 -0.42 10.45
N LYS A 58 15.97 -0.90 10.20
CA LYS A 58 15.52 -1.08 8.83
C LYS A 58 14.48 -0.02 8.48
N TYR A 59 14.75 0.77 7.45
CA TYR A 59 13.78 1.77 6.99
C TYR A 59 12.59 1.05 6.34
N VAL A 60 11.38 1.33 6.85
CA VAL A 60 10.14 0.90 6.18
C VAL A 60 9.22 2.11 6.06
N SER A 61 8.50 2.20 4.93
CA SER A 61 7.66 3.36 4.67
C SER A 61 6.23 3.17 5.19
N GLN A 62 5.87 1.93 5.55
CA GLN A 62 4.55 1.62 6.10
C GLN A 62 4.71 0.71 7.32
N ASN A 63 3.74 0.75 8.23
CA ASN A 63 3.79 -0.08 9.43
C ASN A 63 3.90 -1.55 9.11
N CYS A 64 4.59 -2.28 9.98
CA CYS A 64 4.71 -3.72 9.84
C CYS A 64 4.36 -4.38 11.17
N VAL A 65 4.34 -5.71 11.17
CA VAL A 65 4.21 -6.48 12.40
C VAL A 65 5.24 -7.60 12.40
N THR A 66 5.54 -8.07 13.62
CA THR A 66 6.23 -9.35 13.79
C THR A 66 5.11 -10.31 14.17
N SER A 67 4.81 -10.42 15.46
N SER A 67 4.82 -10.48 15.46
CA SER A 67 3.66 -11.19 15.94
CA SER A 67 3.70 -11.33 15.84
C SER A 67 2.36 -10.63 15.38
C SER A 67 2.38 -10.68 15.41
N PRO A 68 1.36 -11.50 15.09
CA PRO A 68 0.12 -11.03 14.47
C PRO A 68 -0.68 -10.06 15.30
N MET A 69 -1.32 -9.11 14.62
CA MET A 69 -2.09 -8.06 15.30
C MET A 69 -3.61 -8.17 15.09
N ASN A 70 -4.03 -8.88 14.05
CA ASN A 70 -5.46 -9.13 13.79
C ASN A 70 -6.31 -7.86 13.69
N ILE A 71 -5.75 -6.88 13.00
CA ILE A 71 -6.50 -5.70 12.60
C ILE A 71 -7.75 -6.13 11.81
N ASP A 72 -8.88 -5.56 12.16
CA ASP A 72 -10.13 -5.83 11.46
C ASP A 72 -10.12 -5.16 10.08
N ARG A 73 -9.93 -5.99 9.04
CA ARG A 73 -9.90 -5.50 7.66
C ARG A 73 -11.10 -6.02 6.85
N ASN A 74 -12.18 -6.43 7.54
CA ASN A 74 -13.40 -6.80 6.84
C ASN A 74 -13.94 -5.58 6.10
N ILE A 75 -13.96 -5.66 4.76
CA ILE A 75 -14.39 -4.52 3.96
C ILE A 75 -15.82 -4.07 4.28
N THR A 76 -16.67 -5.01 4.69
CA THR A 76 -18.06 -4.66 5.05
C THR A 76 -18.17 -3.93 6.39
N HIS A 77 -17.07 -3.82 7.14
CA HIS A 77 -17.08 -3.12 8.41
C HIS A 77 -16.72 -1.64 8.30
N LEU A 78 -16.29 -1.23 7.11
CA LEU A 78 -15.98 0.17 6.85
C LEU A 78 -17.23 1.02 6.79
N GLN A 79 -17.19 2.15 7.46
CA GLN A 79 -18.14 3.22 7.21
C GLN A 79 -17.56 4.01 6.05
N TYR A 80 -18.43 4.45 5.16
CA TYR A 80 -18.00 5.05 3.90
C TYR A 80 -19.01 6.14 3.50
N CYS A 81 -18.64 6.98 2.54
CA CYS A 81 -19.52 8.03 2.04
C CYS A 81 -20.02 7.67 0.66
N VAL A 82 -21.13 8.32 0.29
CA VAL A 82 -21.80 8.09 -0.99
C VAL A 82 -21.78 9.35 -1.84
N CYS A 83 -20.78 10.19 -1.60
CA CYS A 83 -20.71 11.51 -2.21
C CYS A 83 -20.70 11.44 -3.74
N ILE A 84 -21.41 12.37 -4.36
CA ILE A 84 -21.45 12.50 -5.83
C ILE A 84 -20.53 13.61 -6.34
N ASP A 85 -19.84 14.28 -5.41
CA ASP A 85 -18.89 15.35 -5.71
C ASP A 85 -17.47 14.97 -5.24
N ASP A 86 -16.71 15.98 -4.84
CA ASP A 86 -15.33 15.76 -4.41
C ASP A 86 -15.19 15.73 -2.89
N CYS A 87 -16.28 15.40 -2.20
CA CYS A 87 -16.30 15.29 -0.74
C CYS A 87 -16.00 16.62 -0.01
N SER A 88 -16.29 17.74 -0.67
CA SER A 88 -16.11 19.05 -0.04
C SER A 88 -17.41 19.62 0.52
N SER A 89 -18.51 18.86 0.41
CA SER A 89 -19.79 19.34 0.93
C SER A 89 -20.01 18.97 2.39
N SER A 90 -20.99 19.64 2.99
CA SER A 90 -21.52 19.35 4.32
C SER A 90 -21.94 17.90 4.53
N ASN A 91 -22.26 17.22 3.44
CA ASN A 91 -22.97 15.94 3.51
C ASN A 91 -22.08 14.70 3.52
N CYS A 92 -20.76 14.88 3.44
CA CYS A 92 -19.85 13.75 3.36
C CYS A 92 -19.83 12.99 4.67
N MET A 93 -20.23 11.73 4.61
CA MET A 93 -20.31 10.92 5.83
C MET A 93 -18.94 10.69 6.49
N CYS A 94 -17.88 10.68 5.70
CA CYS A 94 -16.53 10.53 6.27
C CYS A 94 -16.11 11.78 7.03
N GLY A 95 -16.53 12.94 6.52
CA GLY A 95 -16.34 14.20 7.21
C GLY A 95 -17.09 14.17 8.52
N GLN A 96 -18.31 13.65 8.50
CA GLN A 96 -19.14 13.58 9.70
C GLN A 96 -18.47 12.77 10.82
N LEU A 97 -17.85 11.66 10.43
CA LEU A 97 -17.12 10.79 11.37
C LEU A 97 -15.96 11.55 12.02
N SER A 98 -15.35 12.45 11.23
CA SER A 98 -14.21 13.25 11.66
C SER A 98 -14.68 14.50 12.41
N MET A 99 -15.98 14.55 12.72
CA MET A 99 -16.69 15.76 13.18
C MET A 99 -17.07 16.68 11.99
N ARG A 100 -16.06 17.14 11.27
CA ARG A 100 -16.20 17.71 9.95
C ARG A 100 -14.94 17.32 9.19
N CYS A 101 -14.95 17.43 7.87
CA CYS A 101 -13.68 17.34 7.13
C CYS A 101 -12.82 18.55 7.46
N TRP A 102 -11.61 18.29 7.97
CA TRP A 102 -10.72 19.35 8.44
C TRP A 102 -9.74 19.82 7.37
N TYR A 103 -9.84 19.28 6.17
CA TYR A 103 -8.89 19.62 5.11
C TYR A 103 -9.44 20.67 4.18
N ASP A 104 -8.60 21.66 3.87
CA ASP A 104 -8.97 22.65 2.86
C ASP A 104 -8.57 22.14 1.47
N LYS A 105 -8.77 22.98 0.45
CA LYS A 105 -8.53 22.57 -0.93
C LYS A 105 -7.06 22.23 -1.23
N ASP A 106 -6.17 22.66 -0.35
CA ASP A 106 -4.73 22.43 -0.48
C ASP A 106 -4.25 21.27 0.40
N GLY A 107 -5.19 20.63 1.09
CA GLY A 107 -4.87 19.49 1.94
C GLY A 107 -4.36 19.87 3.32
N ARG A 108 -4.52 21.13 3.69
CA ARG A 108 -4.08 21.64 4.99
C ARG A 108 -5.25 21.67 5.97
N LEU A 109 -4.93 21.48 7.25
CA LEU A 109 -5.94 21.55 8.30
C LEU A 109 -6.47 22.98 8.39
N LEU A 110 -7.79 23.11 8.56
CA LEU A 110 -8.45 24.41 8.69
C LEU A 110 -7.95 25.10 9.97
N PRO A 111 -7.91 26.46 9.97
CA PRO A 111 -7.53 27.19 11.19
C PRO A 111 -8.32 26.78 12.44
N GLU A 112 -9.55 26.31 12.24
CA GLU A 112 -10.45 25.90 13.33
C GLU A 112 -10.04 24.60 14.03
N PHE A 113 -9.15 23.84 13.39
CA PHE A 113 -8.70 22.55 13.92
C PHE A 113 -8.08 22.70 15.31
N ASN A 114 -8.55 21.90 16.25
CA ASN A 114 -8.05 21.96 17.63
C ASN A 114 -6.73 21.21 17.79
N MET A 115 -5.63 21.95 17.74
CA MET A 115 -4.30 21.35 17.86
C MET A 115 -3.97 20.87 19.28
N ALA A 116 -4.61 21.50 20.27
CA ALA A 116 -4.44 21.10 21.67
C ALA A 116 -5.11 19.77 21.97
N GLU A 117 -6.24 19.53 21.30
CA GLU A 117 -7.03 18.32 21.51
C GLU A 117 -7.57 17.82 20.16
N PRO A 118 -6.70 17.24 19.31
CA PRO A 118 -7.12 16.87 17.97
C PRO A 118 -8.21 15.80 17.95
N PRO A 119 -9.19 15.95 17.05
CA PRO A 119 -10.17 14.90 16.82
C PRO A 119 -9.54 13.76 16.03
N LEU A 120 -10.22 12.63 15.98
CA LEU A 120 -9.85 11.53 15.09
C LEU A 120 -10.22 11.94 13.67
N ILE A 121 -9.34 11.63 12.71
CA ILE A 121 -9.66 11.92 11.32
C ILE A 121 -9.96 10.62 10.61
N PHE A 122 -11.10 10.56 9.92
CA PHE A 122 -11.44 9.46 9.05
C PHE A 122 -11.36 9.93 7.62
N GLU A 123 -10.29 9.55 6.92
CA GLU A 123 -10.18 9.83 5.50
C GLU A 123 -11.08 8.91 4.68
N CYS A 124 -11.33 9.31 3.44
CA CYS A 124 -12.05 8.44 2.55
C CYS A 124 -11.27 7.16 2.26
N ASN A 125 -12.00 6.13 1.87
CA ASN A 125 -11.42 4.82 1.66
C ASN A 125 -11.95 4.17 0.38
N HIS A 126 -11.48 2.96 0.11
CA HIS A 126 -11.84 2.24 -1.12
C HIS A 126 -13.29 1.76 -1.15
N ALA A 127 -14.00 1.87 -0.03
CA ALA A 127 -15.45 1.55 0.00
C ALA A 127 -16.32 2.78 -0.34
N CYS A 128 -15.75 3.99 -0.27
CA CYS A 128 -16.49 5.21 -0.61
C CYS A 128 -16.83 5.28 -2.07
N SER A 129 -17.89 6.03 -2.39
CA SER A 129 -18.34 6.19 -3.77
C SER A 129 -17.52 7.23 -4.53
N CYS A 130 -16.76 8.04 -3.80
CA CYS A 130 -15.98 9.13 -4.39
C CYS A 130 -14.74 8.65 -5.16
N TRP A 131 -14.10 9.58 -5.84
CA TRP A 131 -12.89 9.29 -6.60
C TRP A 131 -11.65 9.38 -5.73
N ARG A 132 -10.57 8.74 -6.18
CA ARG A 132 -9.30 8.72 -5.45
C ARG A 132 -8.69 10.11 -5.18
N ASN A 133 -9.15 11.13 -5.92
CA ASN A 133 -8.63 12.48 -5.76
C ASN A 133 -9.56 13.43 -4.97
N CYS A 134 -10.49 12.87 -4.19
CA CYS A 134 -11.40 13.72 -3.41
C CYS A 134 -10.66 14.48 -2.33
N ARG A 135 -11.36 15.45 -1.74
CA ARG A 135 -10.81 16.38 -0.77
C ARG A 135 -10.33 15.67 0.50
N ASN A 136 -11.01 14.58 0.85
CA ASN A 136 -10.81 13.96 2.17
C ASN A 136 -9.75 12.85 2.16
N ARG A 137 -8.61 13.15 1.53
CA ARG A 137 -7.52 12.21 1.39
C ARG A 137 -6.23 13.02 1.39
N VAL A 138 -5.42 12.81 2.44
CA VAL A 138 -4.18 13.58 2.58
C VAL A 138 -3.09 12.67 3.09
N VAL A 139 -3.31 12.10 4.27
CA VAL A 139 -2.31 11.20 4.85
C VAL A 139 -2.07 9.96 3.97
N GLN A 140 -3.12 9.49 3.31
CA GLN A 140 -3.03 8.29 2.49
C GLN A 140 -2.22 8.49 1.21
N ASN A 141 -1.88 9.76 0.94
CA ASN A 141 -1.08 10.11 -0.22
C ASN A 141 0.41 10.13 0.10
N GLY A 142 0.72 9.97 1.39
CA GLY A 142 2.11 9.81 1.81
C GLY A 142 2.91 11.07 1.94
N LEU A 143 4.16 10.87 2.38
CA LEU A 143 5.11 11.94 2.63
C LEU A 143 5.39 12.67 1.31
N ARG A 144 5.24 13.99 1.31
CA ARG A 144 5.65 14.78 0.14
C ARG A 144 6.58 15.98 0.41
N ALA A 145 6.59 16.49 1.65
CA ALA A 145 7.54 17.53 2.08
C ALA A 145 8.99 17.08 1.92
N ARG A 146 9.85 18.03 1.53
CA ARG A 146 11.28 17.75 1.40
C ARG A 146 11.91 17.83 2.78
N LEU A 147 12.26 16.65 3.30
CA LEU A 147 12.90 16.52 4.63
C LEU A 147 14.34 16.06 4.48
N GLN A 148 15.08 16.21 5.58
CA GLN A 148 16.49 15.82 5.60
C GLN A 148 16.87 15.34 7.00
N LEU A 149 17.54 14.19 7.07
CA LEU A 149 18.07 13.68 8.32
C LEU A 149 19.43 14.35 8.49
N TYR A 150 19.70 14.89 9.67
CA TYR A 150 20.98 15.57 9.86
C TYR A 150 21.54 15.36 11.26
N ARG A 151 22.84 15.58 11.39
CA ARG A 151 23.51 15.42 12.67
C ARG A 151 23.40 16.72 13.46
N THR A 152 22.75 16.64 14.62
CA THR A 152 22.65 17.82 15.49
C THR A 152 23.93 17.94 16.33
N ARG A 153 24.12 19.10 16.93
CA ARG A 153 25.28 19.33 17.79
C ARG A 153 25.20 18.54 19.09
N ASP A 154 24.01 18.43 19.68
CA ASP A 154 23.91 17.79 21.00
C ASP A 154 22.71 16.89 21.28
N MET A 155 21.97 16.49 20.23
CA MET A 155 20.87 15.54 20.40
C MET A 155 20.89 14.42 19.37
N GLY A 156 22.08 14.00 18.95
CA GLY A 156 22.21 12.92 17.98
C GLY A 156 21.67 13.36 16.62
N TRP A 157 20.98 12.44 15.95
CA TRP A 157 20.36 12.74 14.66
C TRP A 157 19.04 13.44 14.87
N GLY A 158 18.70 14.34 13.95
CA GLY A 158 17.40 15.02 13.98
C GLY A 158 16.88 15.15 12.56
N VAL A 159 15.68 15.68 12.40
CA VAL A 159 15.09 15.86 11.07
C VAL A 159 14.77 17.32 10.86
N ARG A 160 15.15 17.86 9.70
CA ARG A 160 14.75 19.22 9.37
C ARG A 160 13.95 19.29 8.08
N SER A 161 13.27 20.41 7.91
CA SER A 161 12.58 20.70 6.68
C SER A 161 13.52 21.48 5.76
N LEU A 162 13.56 21.11 4.49
CA LEU A 162 14.40 21.83 3.50
C LEU A 162 13.64 22.98 2.84
N GLN A 163 12.32 23.01 3.01
N GLN A 163 12.33 23.01 3.07
CA GLN A 163 11.47 24.03 2.40
CA GLN A 163 11.40 23.96 2.46
C GLN A 163 10.45 24.54 3.42
C GLN A 163 10.60 24.65 3.56
N ASP A 164 9.93 25.74 3.20
CA ASP A 164 8.89 26.30 4.05
C ASP A 164 7.69 25.35 4.06
N ILE A 165 7.16 25.07 5.25
CA ILE A 165 5.96 24.24 5.41
C ILE A 165 4.87 25.11 6.03
N PRO A 166 3.79 25.41 5.26
CA PRO A 166 2.70 26.21 5.82
C PRO A 166 2.03 25.50 7.00
N PRO A 167 1.38 26.27 7.91
CA PRO A 167 0.65 25.66 9.01
C PRO A 167 -0.40 24.65 8.55
N GLY A 168 -0.57 23.60 9.35
CA GLY A 168 -1.62 22.61 9.12
C GLY A 168 -1.31 21.59 8.04
N THR A 169 -0.04 21.51 7.64
CA THR A 169 0.37 20.61 6.56
C THR A 169 0.73 19.24 7.12
N PHE A 170 0.34 18.19 6.41
CA PHE A 170 0.81 16.85 6.74
C PHE A 170 2.29 16.72 6.41
N VAL A 171 3.08 16.35 7.41
CA VAL A 171 4.53 16.26 7.24
C VAL A 171 5.01 14.81 7.09
N CYS A 172 4.69 13.96 8.07
CA CYS A 172 5.06 12.55 7.99
C CYS A 172 4.24 11.72 8.98
N GLU A 173 4.29 10.40 8.80
CA GLU A 173 3.61 9.46 9.68
C GLU A 173 4.62 8.77 10.59
N TYR A 174 4.22 8.48 11.84
CA TYR A 174 5.06 7.66 12.72
C TYR A 174 4.86 6.19 12.37
N VAL A 175 5.85 5.62 11.69
CA VAL A 175 5.77 4.27 11.16
C VAL A 175 6.74 3.37 11.90
N GLY A 176 6.31 2.12 12.08
CA GLY A 176 7.19 1.12 12.69
C GLY A 176 6.49 -0.18 12.90
N GLU A 177 6.94 -0.91 13.91
CA GLU A 177 6.45 -2.25 14.20
C GLU A 177 5.26 -2.15 15.17
N LEU A 178 4.10 -2.67 14.79
CA LEU A 178 2.92 -2.62 15.64
C LEU A 178 2.99 -3.75 16.65
N ILE A 179 2.97 -3.39 17.94
CA ILE A 179 3.08 -4.35 19.04
C ILE A 179 2.03 -4.11 20.14
N SER A 180 1.89 -5.08 21.03
CA SER A 180 0.99 -4.91 22.16
C SER A 180 1.65 -4.02 23.23
N ASP A 181 0.81 -3.40 24.05
CA ASP A 181 1.24 -2.64 25.24
C ASP A 181 2.14 -3.52 26.13
N SER A 182 1.74 -4.78 26.28
CA SER A 182 2.51 -5.77 27.07
C SER A 182 3.91 -5.99 26.52
N GLU A 183 4.00 -6.19 25.21
CA GLU A 183 5.29 -6.38 24.53
C GLU A 183 6.14 -5.12 24.65
N ALA A 184 5.52 -3.96 24.48
CA ALA A 184 6.25 -2.68 24.57
C ALA A 184 6.88 -2.52 25.94
N ASP A 185 6.25 -3.11 26.94
CA ASP A 185 6.72 -2.98 28.32
C ASP A 185 7.99 -3.79 28.62
N VAL A 186 8.36 -4.69 27.71
CA VAL A 186 9.60 -5.47 27.87
C VAL A 186 10.66 -5.16 26.79
N ARG A 187 10.43 -4.11 26.02
CA ARG A 187 11.38 -3.65 25.02
C ARG A 187 12.41 -2.76 25.73
N GLU A 188 13.59 -3.30 25.96
CA GLU A 188 14.65 -2.60 26.71
C GLU A 188 15.06 -1.29 26.04
N GLU A 189 15.13 -1.30 24.71
CA GLU A 189 15.42 -0.09 23.97
C GLU A 189 14.10 0.60 23.69
N ASP A 190 13.76 1.58 24.54
CA ASP A 190 12.42 2.16 24.59
C ASP A 190 12.30 3.57 24.04
N SER A 191 13.37 4.06 23.40
CA SER A 191 13.40 5.44 22.93
C SER A 191 12.49 5.73 21.74
N TYR A 192 11.98 4.67 21.10
CA TYR A 192 11.21 4.82 19.84
C TYR A 192 9.77 4.32 19.93
N LEU A 193 9.29 4.04 21.14
CA LEU A 193 7.93 3.53 21.33
C LEU A 193 6.93 4.67 21.30
N PHE A 194 5.78 4.45 20.64
CA PHE A 194 4.69 5.41 20.59
C PHE A 194 3.35 4.72 20.89
N ASP A 195 2.74 5.06 22.04
CA ASP A 195 1.47 4.46 22.40
C ASP A 195 0.33 4.98 21.52
N LEU A 196 -0.51 4.07 21.05
CA LEU A 196 -1.62 4.47 20.19
C LEU A 196 -2.88 4.90 20.95
N ASP A 197 -2.93 4.57 22.24
CA ASP A 197 -4.10 4.83 23.09
C ASP A 197 -3.52 5.03 24.49
N ASN A 198 -4.05 6.01 25.21
CA ASN A 198 -3.52 6.31 26.55
C ASN A 198 -4.30 5.64 27.67
N LYS A 199 -5.40 4.98 27.31
CA LYS A 199 -6.25 4.32 28.28
C LYS A 199 -5.63 3.02 28.79
N ASP A 200 -6.25 2.43 29.80
CA ASP A 200 -5.84 1.10 30.22
C ASP A 200 -6.59 0.08 29.36
N GLY A 201 -6.22 -1.18 29.46
CA GLY A 201 -6.93 -2.22 28.72
C GLY A 201 -6.17 -2.67 27.49
N GLU A 202 -6.92 -3.07 26.46
CA GLU A 202 -6.32 -3.57 25.24
C GLU A 202 -5.80 -2.40 24.43
N VAL A 203 -4.49 -2.24 24.43
CA VAL A 203 -3.83 -1.04 23.86
C VAL A 203 -2.64 -1.51 23.04
N TYR A 204 -2.32 -0.78 21.98
CA TYR A 204 -1.20 -1.13 21.09
C TYR A 204 -0.21 0.03 20.98
N CYS A 205 0.94 -0.24 20.37
N CYS A 205 0.95 -0.27 20.41
CA CYS A 205 2.08 0.67 20.38
CA CYS A 205 2.02 0.70 20.29
C CYS A 205 2.88 0.47 19.11
C CYS A 205 2.69 0.53 18.95
N ILE A 206 3.43 1.55 18.55
CA ILE A 206 4.37 1.42 17.42
C ILE A 206 5.79 1.52 17.98
N ASP A 207 6.59 0.49 17.72
CA ASP A 207 8.00 0.55 18.06
C ASP A 207 8.81 0.80 16.80
N ALA A 208 9.44 1.97 16.73
CA ALA A 208 10.21 2.33 15.54
C ALA A 208 11.69 2.00 15.71
N ARG A 209 12.02 1.23 16.75
CA ARG A 209 13.44 0.90 16.99
C ARG A 209 14.08 0.06 15.89
N PHE A 210 13.45 -1.05 15.53
CA PHE A 210 14.03 -1.99 14.58
C PHE A 210 13.57 -1.75 13.15
N TYR A 211 12.33 -1.29 13.02
CA TYR A 211 11.71 -0.97 11.73
C TYR A 211 11.06 0.39 11.92
N GLY A 212 11.40 1.36 11.09
CA GLY A 212 10.85 2.68 11.25
C GLY A 212 11.11 3.54 10.04
N ASN A 213 10.48 4.71 9.99
CA ASN A 213 10.75 5.62 8.89
C ASN A 213 11.45 6.86 9.44
N VAL A 214 11.46 7.94 8.65
CA VAL A 214 12.17 9.14 9.06
C VAL A 214 11.71 9.72 10.42
N SER A 215 10.45 9.49 10.79
N SER A 215 10.45 9.48 10.78
CA SER A 215 9.88 10.07 12.01
CA SER A 215 9.87 10.06 11.99
C SER A 215 10.54 9.55 13.28
C SER A 215 10.52 9.54 13.27
N ARG A 216 11.21 8.40 13.18
CA ARG A 216 11.92 7.84 14.36
C ARG A 216 13.04 8.78 14.85
N PHE A 217 13.48 9.69 13.95
CA PHE A 217 14.57 10.60 14.26
C PHE A 217 14.12 12.00 14.72
N ILE A 218 12.80 12.23 14.82
CA ILE A 218 12.31 13.54 15.21
C ILE A 218 12.48 13.72 16.70
N ASN A 219 13.24 14.75 17.07
CA ASN A 219 13.50 15.05 18.48
C ASN A 219 12.33 15.74 19.18
N HIS A 220 12.35 15.65 20.51
CA HIS A 220 11.35 16.27 21.36
C HIS A 220 11.54 17.78 21.46
N HIS A 221 10.43 18.52 21.41
CA HIS A 221 10.48 19.96 21.67
C HIS A 221 9.32 20.38 22.54
N CYS A 222 9.58 21.23 23.53
CA CYS A 222 8.54 21.64 24.47
C CYS A 222 7.56 22.66 23.89
N GLU A 223 7.97 23.36 22.83
CA GLU A 223 7.07 24.24 22.07
C GLU A 223 7.06 23.80 20.60
N PRO A 224 6.41 22.65 20.35
CA PRO A 224 6.65 21.90 19.10
C PRO A 224 6.05 22.50 17.84
N ASN A 225 6.70 22.27 16.71
CA ASN A 225 6.14 22.68 15.45
C ASN A 225 5.36 21.59 14.74
N LEU A 226 5.29 20.40 15.36
CA LEU A 226 4.41 19.32 14.87
C LEU A 226 3.47 18.86 15.96
N VAL A 227 2.29 18.37 15.56
CA VAL A 227 1.37 17.71 16.49
C VAL A 227 0.96 16.36 15.90
N PRO A 228 0.97 15.29 16.71
CA PRO A 228 0.47 14.00 16.23
C PRO A 228 -1.05 13.93 16.25
N VAL A 229 -1.61 13.41 15.16
CA VAL A 229 -3.05 13.24 15.00
C VAL A 229 -3.38 11.76 14.65
N ARG A 230 -4.43 11.20 15.24
CA ARG A 230 -4.84 9.82 14.95
C ARG A 230 -5.73 9.80 13.71
N VAL A 231 -5.38 8.95 12.76
CA VAL A 231 -6.03 8.93 11.43
C VAL A 231 -6.39 7.51 11.06
N PHE A 232 -7.54 7.36 10.39
CA PHE A 232 -7.99 6.11 9.84
C PHE A 232 -8.14 6.28 8.34
N MET A 233 -7.66 5.27 7.61
CA MET A 233 -7.69 5.28 6.15
C MET A 233 -8.28 3.96 5.66
N ALA A 234 -7.43 2.96 5.40
CA ALA A 234 -7.90 1.72 4.75
C ALA A 234 -8.76 0.83 5.65
N HIS A 235 -8.61 0.98 6.97
CA HIS A 235 -9.41 0.24 7.95
C HIS A 235 -9.87 1.22 9.01
N GLN A 236 -10.85 0.81 9.82
CA GLN A 236 -11.37 1.68 10.89
C GLN A 236 -11.43 0.95 12.23
N ASP A 237 -10.44 0.08 12.43
CA ASP A 237 -10.27 -0.63 13.68
C ASP A 237 -9.69 0.37 14.69
N LEU A 238 -10.52 0.79 15.64
CA LEU A 238 -10.14 1.87 16.56
C LEU A 238 -8.95 1.59 17.48
N ARG A 239 -8.56 0.32 17.52
CA ARG A 239 -7.40 -0.09 18.32
C ARG A 239 -6.10 0.31 17.63
N PHE A 240 -6.20 0.59 16.33
CA PHE A 240 -5.01 0.76 15.50
C PHE A 240 -5.04 2.07 14.67
N PRO A 241 -5.11 3.23 15.35
CA PRO A 241 -5.00 4.48 14.61
C PRO A 241 -3.58 4.57 14.03
N ARG A 242 -3.45 5.30 12.94
CA ARG A 242 -2.15 5.67 12.41
C ARG A 242 -1.81 7.07 12.87
N ILE A 243 -0.52 7.33 13.12
CA ILE A 243 -0.11 8.59 13.73
C ILE A 243 0.47 9.52 12.67
N ALA A 244 -0.24 10.62 12.40
CA ALA A 244 0.21 11.59 11.38
C ALA A 244 0.65 12.88 12.05
N PHE A 245 1.84 13.38 11.70
CA PHE A 245 2.32 14.69 12.21
C PHE A 245 1.91 15.79 11.24
N PHE A 246 1.26 16.82 11.78
CA PHE A 246 0.90 18.02 11.03
C PHE A 246 1.61 19.21 11.64
N SER A 247 1.99 20.18 10.81
CA SER A 247 2.65 21.37 11.32
C SER A 247 1.66 22.25 12.10
N THR A 248 2.13 22.85 13.18
CA THR A 248 1.27 23.65 14.05
C THR A 248 1.38 25.14 13.75
N ARG A 249 2.33 25.46 12.87
CA ARG A 249 2.61 26.83 12.45
C ARG A 249 3.46 26.75 11.18
N LEU A 250 3.81 27.89 10.61
CA LEU A 250 4.77 27.92 9.52
C LEU A 250 6.12 27.41 10.02
N ILE A 251 6.64 26.40 9.33
CA ILE A 251 7.97 25.88 9.60
C ILE A 251 8.86 26.41 8.48
N GLU A 252 9.86 27.20 8.86
CA GLU A 252 10.74 27.80 7.87
C GLU A 252 11.76 26.80 7.37
N ALA A 253 12.15 26.95 6.10
CA ALA A 253 13.19 26.12 5.52
C ALA A 253 14.41 26.10 6.43
N GLY A 254 14.92 24.90 6.70
CA GLY A 254 16.09 24.73 7.55
C GLY A 254 15.78 24.36 9.00
N GLU A 255 14.55 24.65 9.44
CA GLU A 255 14.12 24.44 10.83
C GLU A 255 14.06 22.96 11.19
N GLN A 256 14.50 22.63 12.40
CA GLN A 256 14.39 21.26 12.89
C GLN A 256 12.93 20.96 13.22
N LEU A 257 12.47 19.75 12.88
CA LEU A 257 11.13 19.32 13.27
C LEU A 257 11.14 18.88 14.74
N GLY A 258 10.05 19.16 15.45
CA GLY A 258 9.91 18.62 16.79
C GLY A 258 8.47 18.41 17.17
N PHE A 259 8.23 17.43 18.02
CA PHE A 259 6.92 17.33 18.68
C PHE A 259 7.09 17.06 20.17
N ASP A 260 5.99 17.18 20.92
CA ASP A 260 6.01 16.94 22.35
C ASP A 260 5.81 15.45 22.58
N TYR A 261 6.85 14.76 23.03
CA TYR A 261 6.80 13.31 23.28
C TYR A 261 5.77 12.96 24.34
N GLY A 262 5.52 13.91 25.25
CA GLY A 262 4.51 13.72 26.30
C GLY A 262 5.04 13.18 27.60
N GLU A 263 4.17 13.15 28.62
CA GLU A 263 4.59 12.82 29.97
C GLU A 263 4.98 11.36 30.18
N ARG A 264 4.39 10.43 29.42
CA ARG A 264 4.74 9.01 29.54
C ARG A 264 6.15 8.69 29.02
N PHE A 265 6.74 9.63 28.31
CA PHE A 265 8.12 9.49 27.90
C PHE A 265 9.03 10.06 29.00
N TRP A 266 8.76 11.30 29.38
CA TRP A 266 9.62 12.04 30.31
C TRP A 266 9.50 11.54 31.76
N ASP A 267 8.40 10.88 32.09
CA ASP A 267 8.28 10.22 33.39
C ASP A 267 9.39 9.19 33.60
N ILE A 268 9.76 8.51 32.51
CA ILE A 268 10.82 7.51 32.55
C ILE A 268 12.18 8.13 32.23
N LYS A 269 12.26 8.88 31.14
CA LYS A 269 13.55 9.36 30.64
C LYS A 269 14.13 10.52 31.42
N GLY A 270 13.25 11.32 32.03
CA GLY A 270 13.63 12.48 32.84
C GLY A 270 14.49 12.14 34.05
N LYS A 271 14.41 10.87 34.49
CA LYS A 271 15.27 10.37 35.56
C LYS A 271 16.68 10.08 35.05
N LEU A 272 16.85 10.04 33.73
CA LEU A 272 18.12 9.67 33.11
C LEU A 272 18.85 10.86 32.46
N PHE A 273 18.06 11.77 31.88
CA PHE A 273 18.61 12.98 31.25
C PHE A 273 17.58 14.09 31.18
N SER A 274 18.06 15.30 30.94
CA SER A 274 17.21 16.49 30.89
C SER A 274 16.94 16.90 29.44
N CYS A 275 15.84 17.61 29.23
CA CYS A 275 15.51 18.11 27.89
C CYS A 275 16.46 19.21 27.44
N ARG A 276 16.92 19.11 26.20
CA ARG A 276 17.82 20.08 25.62
C ARG A 276 17.18 20.84 24.45
N CYS A 277 15.85 20.93 24.44
CA CYS A 277 15.14 21.61 23.34
C CYS A 277 15.50 23.10 23.23
N GLY A 278 15.83 23.71 24.36
CA GLY A 278 16.31 25.09 24.40
C GLY A 278 15.23 26.15 24.51
N SER A 279 13.97 25.73 24.58
CA SER A 279 12.88 26.68 24.74
C SER A 279 12.95 27.39 26.10
N PRO A 280 12.67 28.72 26.11
CA PRO A 280 12.51 29.42 27.38
C PRO A 280 11.39 28.78 28.20
N LYS A 281 10.42 28.17 27.51
CA LYS A 281 9.27 27.52 28.13
C LYS A 281 9.48 25.99 28.28
N CYS A 282 10.72 25.53 28.23
CA CYS A 282 11.04 24.12 28.45
C CYS A 282 10.47 23.60 29.77
N ARG A 283 9.81 22.45 29.70
CA ARG A 283 9.13 21.87 30.87
C ARG A 283 9.85 20.63 31.41
N HIS A 284 11.00 20.29 30.83
CA HIS A 284 11.71 19.06 31.19
C HIS A 284 13.21 19.26 31.39
N SER A 285 13.61 20.51 31.60
CA SER A 285 15.02 20.86 31.77
C SER A 285 15.51 20.55 33.18
N ILE B 28 -19.03 6.18 -25.07
CA ILE B 28 -18.30 6.36 -23.77
C ILE B 28 -19.28 6.38 -22.59
N VAL B 29 -19.36 5.26 -21.87
CA VAL B 29 -20.30 5.12 -20.75
C VAL B 29 -19.64 5.25 -19.37
N SER B 30 -18.31 5.41 -19.36
CA SER B 30 -17.53 5.73 -18.17
C SER B 30 -16.13 6.19 -18.57
N ARG B 31 -15.68 7.29 -18.00
CA ARG B 31 -14.33 7.81 -18.23
C ARG B 31 -13.29 6.95 -17.52
N ASP B 32 -13.67 6.31 -16.43
CA ASP B 32 -12.74 5.49 -15.63
C ASP B 32 -13.49 4.60 -14.64
N ILE B 33 -13.54 3.30 -14.92
CA ILE B 33 -14.28 2.38 -14.05
C ILE B 33 -13.58 2.27 -12.68
N ALA B 34 -12.31 2.65 -12.66
CA ALA B 34 -11.48 2.54 -11.45
C ALA B 34 -11.56 3.77 -10.54
N ARG B 35 -12.23 4.84 -11.00
CA ARG B 35 -12.40 6.06 -10.20
C ARG B 35 -11.09 6.66 -9.68
N GLY B 36 -10.03 6.57 -10.48
CA GLY B 36 -8.75 7.17 -10.15
C GLY B 36 -7.81 6.31 -9.32
N TYR B 37 -8.22 5.08 -9.04
CA TYR B 37 -7.41 4.17 -8.22
C TYR B 37 -6.25 3.51 -8.96
N GLU B 38 -6.26 3.57 -10.29
CA GLU B 38 -5.15 3.01 -11.06
C GLU B 38 -4.27 4.15 -11.57
N ARG B 39 -3.08 3.80 -12.08
CA ARG B 39 -2.13 4.78 -12.58
C ARG B 39 -2.70 5.54 -13.77
N ILE B 40 -3.53 4.88 -14.55
CA ILE B 40 -4.21 5.48 -15.69
C ILE B 40 -5.69 5.07 -15.67
N PRO B 41 -6.56 5.86 -16.34
CA PRO B 41 -7.96 5.48 -16.31
C PRO B 41 -8.24 4.24 -17.15
N ILE B 42 -9.33 3.55 -16.83
CA ILE B 42 -9.82 2.45 -17.62
C ILE B 42 -11.22 2.84 -18.06
N PRO B 43 -11.34 3.46 -19.25
CA PRO B 43 -12.66 3.87 -19.72
C PRO B 43 -13.54 2.69 -20.08
N CYS B 44 -14.85 2.92 -20.15
CA CYS B 44 -15.78 1.92 -20.64
C CYS B 44 -16.50 2.48 -21.87
N VAL B 45 -16.50 1.71 -22.96
CA VAL B 45 -17.21 2.11 -24.19
C VAL B 45 -18.22 1.05 -24.64
N ASN B 46 -19.29 1.49 -25.31
CA ASN B 46 -20.26 0.57 -25.86
C ASN B 46 -20.61 0.97 -27.29
N ALA B 47 -20.57 -0.01 -28.20
CA ALA B 47 -20.81 0.21 -29.62
C ALA B 47 -21.81 -0.78 -30.21
N VAL B 48 -22.19 -1.79 -29.44
CA VAL B 48 -23.06 -2.85 -29.98
C VAL B 48 -24.50 -2.77 -29.48
N ASP B 49 -24.71 -2.36 -28.23
CA ASP B 49 -26.05 -2.30 -27.67
C ASP B 49 -26.30 -1.12 -26.72
N SER B 50 -27.29 -1.28 -25.85
CA SER B 50 -27.81 -0.19 -25.03
C SER B 50 -27.30 -0.20 -23.58
N GLU B 51 -26.61 -1.28 -23.21
CA GLU B 51 -26.15 -1.52 -21.84
C GLU B 51 -25.28 -0.40 -21.27
N PRO B 52 -25.60 0.06 -20.05
CA PRO B 52 -24.75 1.03 -19.36
C PRO B 52 -23.57 0.34 -18.72
N CYS B 53 -22.61 1.13 -18.24
CA CYS B 53 -21.44 0.62 -17.53
C CYS B 53 -21.82 -0.32 -16.38
N PRO B 54 -21.21 -1.53 -16.31
CA PRO B 54 -21.54 -2.47 -15.25
C PRO B 54 -21.35 -1.83 -13.89
N SER B 55 -22.29 -2.05 -12.98
CA SER B 55 -22.28 -1.39 -11.69
C SER B 55 -22.76 -2.28 -10.54
N ASN B 56 -22.87 -3.57 -10.80
CA ASN B 56 -23.34 -4.53 -9.79
C ASN B 56 -22.22 -5.15 -8.94
N TYR B 57 -21.05 -4.50 -8.98
CA TYR B 57 -19.89 -4.91 -8.18
C TYR B 57 -19.23 -3.64 -7.68
N LYS B 58 -18.28 -3.78 -6.75
CA LYS B 58 -17.48 -2.66 -6.29
C LYS B 58 -16.07 -2.78 -6.87
N TYR B 59 -15.62 -1.77 -7.61
CA TYR B 59 -14.25 -1.82 -8.15
C TYR B 59 -13.29 -1.63 -7.00
N VAL B 60 -12.38 -2.58 -6.83
CA VAL B 60 -11.23 -2.42 -5.91
C VAL B 60 -9.92 -2.71 -6.66
N SER B 61 -8.88 -1.93 -6.38
CA SER B 61 -7.63 -2.09 -7.13
C SER B 61 -6.68 -3.11 -6.51
N GLN B 62 -6.97 -3.49 -5.26
CA GLN B 62 -6.19 -4.51 -4.55
C GLN B 62 -7.12 -5.50 -3.85
N ASN B 63 -6.63 -6.69 -3.58
CA ASN B 63 -7.43 -7.73 -2.93
C ASN B 63 -7.98 -7.27 -1.58
N CYS B 64 -9.15 -7.78 -1.24
CA CYS B 64 -9.75 -7.46 0.06
C CYS B 64 -10.26 -8.74 0.71
N VAL B 65 -10.75 -8.63 1.93
CA VAL B 65 -11.40 -9.75 2.60
C VAL B 65 -12.71 -9.29 3.22
N THR B 66 -13.62 -10.24 3.42
CA THR B 66 -14.73 -10.01 4.34
C THR B 66 -14.33 -10.76 5.61
N SER B 67 -14.61 -12.06 5.69
CA SER B 67 -14.11 -12.91 6.79
C SER B 67 -12.58 -12.93 6.84
N PRO B 68 -11.99 -12.97 8.05
CA PRO B 68 -10.54 -12.85 8.15
C PRO B 68 -9.77 -13.97 7.48
N MET B 69 -8.68 -13.59 6.81
CA MET B 69 -7.73 -14.53 6.25
C MET B 69 -6.44 -14.32 7.01
N ASN B 70 -5.96 -15.38 7.65
CA ASN B 70 -4.81 -15.24 8.53
C ASN B 70 -3.50 -15.28 7.77
N ILE B 71 -3.34 -14.37 6.80
CA ILE B 71 -2.11 -14.30 6.01
C ILE B 71 -0.93 -14.00 6.95
N ASP B 72 0.16 -14.75 6.78
CA ASP B 72 1.35 -14.54 7.59
C ASP B 72 2.06 -13.29 7.09
N ARG B 73 1.98 -12.22 7.89
CA ARG B 73 2.64 -10.96 7.55
C ARG B 73 3.78 -10.61 8.52
N ASN B 74 4.30 -11.62 9.23
CA ASN B 74 5.42 -11.37 10.13
C ASN B 74 6.63 -10.98 9.30
N ILE B 75 7.12 -9.76 9.48
CA ILE B 75 8.21 -9.25 8.64
C ILE B 75 9.49 -10.12 8.75
N THR B 76 9.69 -10.74 9.92
CA THR B 76 10.88 -11.58 10.11
C THR B 76 10.77 -12.94 9.40
N HIS B 77 9.59 -13.26 8.87
CA HIS B 77 9.39 -14.49 8.11
C HIS B 77 9.73 -14.35 6.63
N LEU B 78 9.99 -13.12 6.18
CA LEU B 78 10.35 -12.87 4.79
C LEU B 78 11.76 -13.30 4.48
N GLN B 79 11.91 -14.01 3.38
CA GLN B 79 13.23 -14.16 2.76
C GLN B 79 13.46 -12.90 1.92
N TYR B 80 14.71 -12.47 1.88
CA TYR B 80 15.04 -11.19 1.26
C TYR B 80 16.46 -11.26 0.74
N CYS B 81 16.83 -10.29 -0.08
CA CYS B 81 18.17 -10.22 -0.64
C CYS B 81 18.95 -9.06 -0.06
N VAL B 82 20.27 -9.15 -0.20
CA VAL B 82 21.19 -8.15 0.33
C VAL B 82 22.01 -7.52 -0.81
N CYS B 83 21.42 -7.50 -2.00
CA CYS B 83 22.11 -7.03 -3.20
C CYS B 83 22.57 -5.59 -3.09
N ILE B 84 23.78 -5.34 -3.60
CA ILE B 84 24.37 -4.00 -3.65
C ILE B 84 24.24 -3.42 -5.06
N ASP B 85 23.55 -4.15 -5.93
CA ASP B 85 23.29 -3.73 -7.30
C ASP B 85 21.78 -3.57 -7.55
N ASP B 86 21.35 -3.69 -8.81
CA ASP B 86 19.94 -3.56 -9.14
C ASP B 86 19.24 -4.92 -9.20
N CYS B 87 19.79 -5.90 -8.48
CA CYS B 87 19.23 -7.25 -8.42
C CYS B 87 19.21 -7.96 -9.77
N SER B 88 20.31 -7.84 -10.50
CA SER B 88 20.42 -8.51 -11.81
C SER B 88 21.45 -9.64 -11.82
N SER B 89 22.07 -9.92 -10.67
CA SER B 89 23.01 -11.03 -10.58
C SER B 89 22.33 -12.29 -10.04
N SER B 90 22.96 -13.45 -10.29
CA SER B 90 22.46 -14.73 -9.82
C SER B 90 22.56 -14.87 -8.30
N ASN B 91 23.22 -13.91 -7.64
CA ASN B 91 23.36 -13.91 -6.18
C ASN B 91 22.13 -13.39 -5.42
N CYS B 92 21.24 -12.72 -6.13
CA CYS B 92 20.00 -12.22 -5.52
C CYS B 92 19.13 -13.36 -4.98
N MET B 93 18.87 -13.34 -3.67
CA MET B 93 18.08 -14.39 -3.04
C MET B 93 16.69 -14.46 -3.63
N CYS B 94 16.13 -13.29 -3.95
CA CYS B 94 14.77 -13.27 -4.49
C CYS B 94 14.69 -13.89 -5.89
N GLY B 95 15.70 -13.64 -6.72
CA GLY B 95 15.83 -14.32 -8.01
C GLY B 95 16.00 -15.82 -7.80
N GLN B 96 16.76 -16.20 -6.78
CA GLN B 96 16.94 -17.63 -6.47
C GLN B 96 15.63 -18.33 -6.07
N LEU B 97 14.82 -17.66 -5.26
CA LEU B 97 13.52 -18.20 -4.90
C LEU B 97 12.65 -18.40 -6.13
N SER B 98 12.83 -17.53 -7.13
CA SER B 98 12.07 -17.55 -8.38
C SER B 98 12.69 -18.52 -9.40
N MET B 99 13.74 -19.23 -8.97
CA MET B 99 14.65 -20.01 -9.84
C MET B 99 15.70 -19.11 -10.48
N ARG B 100 15.24 -18.07 -11.18
CA ARG B 100 16.07 -16.94 -11.57
C ARG B 100 15.13 -15.74 -11.64
N CYS B 101 15.70 -14.54 -11.70
CA CYS B 101 14.89 -13.36 -12.01
C CYS B 101 14.47 -13.46 -13.48
N TRP B 102 13.16 -13.43 -13.69
CA TRP B 102 12.59 -13.64 -15.02
C TRP B 102 12.39 -12.35 -15.78
N TYR B 103 12.69 -11.23 -15.16
CA TYR B 103 12.45 -9.92 -15.76
C TYR B 103 13.69 -9.35 -16.45
N ASP B 104 13.52 -8.91 -17.69
CA ASP B 104 14.59 -8.20 -18.39
C ASP B 104 14.63 -6.73 -17.93
N LYS B 105 15.50 -5.92 -18.54
CA LYS B 105 15.67 -4.53 -18.09
C LYS B 105 14.41 -3.65 -18.27
N ASP B 106 13.50 -4.10 -19.15
CA ASP B 106 12.26 -3.38 -19.43
C ASP B 106 11.09 -3.92 -18.61
N GLY B 107 11.38 -4.83 -17.69
CA GLY B 107 10.34 -5.44 -16.85
C GLY B 107 9.53 -6.53 -17.54
N ARG B 108 10.05 -7.02 -18.67
N ARG B 108 10.04 -7.03 -18.66
CA ARG B 108 9.39 -8.06 -19.46
CA ARG B 108 9.35 -8.05 -19.44
C ARG B 108 9.95 -9.43 -19.11
C ARG B 108 9.95 -9.43 -19.17
N LEU B 109 9.10 -10.45 -19.17
CA LEU B 109 9.53 -11.84 -18.97
C LEU B 109 10.53 -12.27 -20.04
N LEU B 110 11.56 -12.98 -19.60
CA LEU B 110 12.59 -13.50 -20.50
C LEU B 110 12.02 -14.51 -21.47
N PRO B 111 12.61 -14.61 -22.69
CA PRO B 111 12.23 -15.65 -23.65
C PRO B 111 12.19 -17.06 -23.03
N GLU B 112 13.09 -17.32 -22.10
CA GLU B 112 13.22 -18.62 -21.41
C GLU B 112 12.04 -18.96 -20.48
N PHE B 113 11.21 -17.97 -20.16
CA PHE B 113 10.09 -18.18 -19.24
C PHE B 113 9.13 -19.23 -19.78
N ASN B 114 8.79 -20.22 -18.94
CA ASN B 114 7.89 -21.29 -19.35
C ASN B 114 6.42 -20.88 -19.23
N MET B 115 5.84 -20.37 -20.31
CA MET B 115 4.45 -19.92 -20.25
C MET B 115 3.41 -21.02 -20.16
N ALA B 116 3.80 -22.25 -20.50
CA ALA B 116 2.94 -23.41 -20.35
C ALA B 116 2.86 -23.87 -18.90
N GLU B 117 4.01 -23.87 -18.23
CA GLU B 117 4.10 -24.29 -16.84
C GLU B 117 4.89 -23.23 -16.05
N PRO B 118 4.25 -22.08 -15.77
CA PRO B 118 5.02 -20.99 -15.16
C PRO B 118 5.49 -21.30 -13.75
N PRO B 119 6.70 -20.84 -13.40
CA PRO B 119 7.18 -20.91 -12.03
C PRO B 119 6.49 -19.88 -11.14
N LEU B 120 6.71 -19.98 -9.83
CA LEU B 120 6.30 -18.93 -8.90
C LEU B 120 7.33 -17.82 -9.00
N ILE B 121 6.86 -16.57 -8.97
CA ILE B 121 7.74 -15.43 -9.01
C ILE B 121 7.78 -14.79 -7.62
N PHE B 122 8.98 -14.63 -7.08
CA PHE B 122 9.20 -13.88 -5.84
C PHE B 122 9.87 -12.55 -6.17
N GLU B 123 9.11 -11.47 -6.06
CA GLU B 123 9.67 -10.16 -6.28
C GLU B 123 10.39 -9.69 -5.03
N CYS B 124 11.24 -8.67 -5.20
CA CYS B 124 11.84 -8.06 -4.03
C CYS B 124 10.78 -7.43 -3.13
N ASN B 125 11.16 -7.23 -1.88
CA ASN B 125 10.17 -6.74 -0.90
C ASN B 125 10.80 -5.72 0.03
N HIS B 126 10.02 -5.24 1.00
CA HIS B 126 10.50 -4.17 1.87
C HIS B 126 11.56 -4.62 2.90
N ALA B 127 11.81 -5.93 3.00
CA ALA B 127 12.91 -6.43 3.85
C ALA B 127 14.27 -6.44 3.12
N CYS B 128 14.22 -6.44 1.78
CA CYS B 128 15.44 -6.46 0.96
C CYS B 128 16.27 -5.20 1.14
N SER B 129 17.59 -5.33 0.95
CA SER B 129 18.51 -4.20 1.06
C SER B 129 18.49 -3.29 -0.18
N CYS B 130 17.95 -3.83 -1.28
CA CYS B 130 17.94 -3.13 -2.57
C CYS B 130 16.96 -1.96 -2.57
N TRP B 131 17.05 -1.15 -3.63
CA TRP B 131 16.21 0.02 -3.80
C TRP B 131 14.85 -0.35 -4.39
N ARG B 132 13.87 0.53 -4.19
CA ARG B 132 12.49 0.29 -4.61
C ARG B 132 12.35 0.15 -6.13
N ASN B 133 13.37 0.59 -6.87
CA ASN B 133 13.39 0.47 -8.32
C ASN B 133 14.41 -0.55 -8.86
N CYS B 134 14.68 -1.60 -8.09
CA CYS B 134 15.54 -2.67 -8.60
C CYS B 134 14.85 -3.45 -9.75
N ARG B 135 15.60 -4.33 -10.42
CA ARG B 135 15.10 -5.08 -11.55
C ARG B 135 13.92 -6.01 -11.19
N ASN B 136 13.91 -6.49 -9.94
CA ASN B 136 12.99 -7.55 -9.57
C ASN B 136 11.69 -7.04 -8.94
N ARG B 137 11.10 -6.05 -9.57
CA ARG B 137 9.90 -5.39 -9.10
C ARG B 137 9.10 -4.98 -10.33
N VAL B 138 7.98 -5.66 -10.58
CA VAL B 138 7.15 -5.39 -11.75
C VAL B 138 5.67 -5.40 -11.37
N VAL B 139 5.18 -6.53 -10.88
CA VAL B 139 3.78 -6.66 -10.50
C VAL B 139 3.43 -5.69 -9.35
N GLN B 140 4.40 -5.43 -8.47
CA GLN B 140 4.14 -4.54 -7.34
C GLN B 140 4.01 -3.07 -7.73
N ASN B 141 4.33 -2.77 -8.99
CA ASN B 141 4.21 -1.41 -9.52
C ASN B 141 2.83 -1.12 -10.11
N GLY B 142 2.01 -2.16 -10.21
CA GLY B 142 0.61 -2.02 -10.62
C GLY B 142 0.38 -1.89 -12.10
N LEU B 143 -0.90 -1.83 -12.45
CA LEU B 143 -1.36 -1.72 -13.82
C LEU B 143 -0.77 -0.47 -14.46
N ARG B 144 -0.15 -0.67 -15.62
CA ARG B 144 0.44 0.43 -16.39
C ARG B 144 -0.19 0.60 -17.77
N ALA B 145 -0.52 -0.53 -18.42
CA ALA B 145 -1.06 -0.56 -19.78
C ALA B 145 -2.36 0.20 -19.91
N ARG B 146 -2.56 0.87 -21.05
CA ARG B 146 -3.85 1.52 -21.34
C ARG B 146 -4.86 0.47 -21.76
N LEU B 147 -5.78 0.18 -20.85
CA LEU B 147 -6.83 -0.80 -21.07
C LEU B 147 -8.19 -0.10 -21.20
N GLN B 148 -9.18 -0.85 -21.67
CA GLN B 148 -10.52 -0.32 -21.90
C GLN B 148 -11.55 -1.43 -21.82
N LEU B 149 -12.58 -1.19 -21.01
CA LEU B 149 -13.72 -2.09 -20.94
C LEU B 149 -14.60 -1.76 -22.14
N TYR B 150 -15.08 -2.79 -22.85
CA TYR B 150 -15.90 -2.57 -24.06
C TYR B 150 -16.96 -3.65 -24.23
N ARG B 151 -18.02 -3.32 -24.95
CA ARG B 151 -19.08 -4.28 -25.22
C ARG B 151 -18.73 -5.10 -26.46
N THR B 152 -18.79 -6.42 -26.33
CA THR B 152 -18.55 -7.32 -27.46
C THR B 152 -19.88 -7.69 -28.12
N ARG B 153 -19.78 -8.16 -29.37
CA ARG B 153 -20.94 -8.62 -30.12
C ARG B 153 -21.55 -9.89 -29.53
N ASP B 154 -20.69 -10.78 -29.05
CA ASP B 154 -21.06 -12.16 -28.77
C ASP B 154 -20.87 -12.66 -27.33
N MET B 155 -20.06 -11.95 -26.54
CA MET B 155 -19.68 -12.42 -25.19
C MET B 155 -20.02 -11.47 -24.05
N GLY B 156 -20.65 -10.35 -24.36
CA GLY B 156 -20.97 -9.32 -23.35
C GLY B 156 -19.86 -8.29 -23.25
N TRP B 157 -19.42 -8.03 -22.02
CA TRP B 157 -18.28 -7.14 -21.81
C TRP B 157 -16.97 -7.89 -22.00
N GLY B 158 -15.99 -7.20 -22.53
CA GLY B 158 -14.61 -7.71 -22.63
C GLY B 158 -13.62 -6.61 -22.35
N VAL B 159 -12.34 -6.97 -22.31
CA VAL B 159 -11.29 -5.97 -22.11
C VAL B 159 -10.35 -5.96 -23.31
N ARG B 160 -10.00 -4.76 -23.76
CA ARG B 160 -9.01 -4.64 -24.81
C ARG B 160 -7.86 -3.72 -24.43
N SER B 161 -6.73 -3.88 -25.13
CA SER B 161 -5.62 -2.95 -25.03
C SER B 161 -5.80 -1.81 -26.04
N LEU B 162 -5.42 -0.59 -25.65
CA LEU B 162 -5.48 0.57 -26.53
C LEU B 162 -4.12 0.87 -27.13
N GLN B 163 -3.13 0.05 -26.78
CA GLN B 163 -1.74 0.21 -27.16
C GLN B 163 -1.14 -1.14 -27.49
N ASP B 164 -0.06 -1.15 -28.27
CA ASP B 164 0.74 -2.34 -28.45
C ASP B 164 1.31 -2.76 -27.09
N ILE B 165 1.17 -4.04 -26.75
CA ILE B 165 1.78 -4.61 -25.56
C ILE B 165 2.78 -5.68 -26.03
N PRO B 166 4.08 -5.43 -25.83
CA PRO B 166 5.13 -6.39 -26.21
C PRO B 166 4.99 -7.72 -25.45
N PRO B 167 5.57 -8.81 -25.99
CA PRO B 167 5.55 -10.12 -25.33
C PRO B 167 6.13 -10.08 -23.91
N GLY B 168 5.52 -10.84 -23.00
CA GLY B 168 6.00 -10.94 -21.61
C GLY B 168 5.81 -9.73 -20.71
N THR B 169 4.86 -8.86 -21.07
CA THR B 169 4.57 -7.65 -20.30
C THR B 169 3.51 -7.93 -19.23
N PHE B 170 3.71 -7.39 -18.02
CA PHE B 170 2.67 -7.46 -16.99
C PHE B 170 1.50 -6.57 -17.41
N VAL B 171 0.32 -7.17 -17.47
CA VAL B 171 -0.87 -6.45 -17.94
C VAL B 171 -1.79 -6.04 -16.78
N CYS B 172 -2.26 -7.01 -16.01
CA CYS B 172 -3.11 -6.72 -14.85
C CYS B 172 -3.11 -7.88 -13.86
N GLU B 173 -3.58 -7.61 -12.65
CA GLU B 173 -3.74 -8.63 -11.61
C GLU B 173 -5.20 -9.07 -11.49
N TYR B 174 -5.42 -10.35 -11.20
CA TYR B 174 -6.75 -10.82 -10.84
C TYR B 174 -7.04 -10.47 -9.39
N VAL B 175 -7.84 -9.44 -9.20
CA VAL B 175 -8.09 -8.88 -7.87
C VAL B 175 -9.54 -9.16 -7.44
N GLY B 176 -9.72 -9.43 -6.16
CA GLY B 176 -11.07 -9.63 -5.63
C GLY B 176 -11.06 -9.93 -4.15
N GLU B 177 -12.12 -10.61 -3.71
CA GLU B 177 -12.30 -10.98 -2.31
C GLU B 177 -11.61 -12.32 -2.06
N LEU B 178 -10.69 -12.36 -1.10
CA LEU B 178 -10.03 -13.60 -0.75
C LEU B 178 -10.90 -14.42 0.20
N ILE B 179 -11.26 -15.64 -0.22
CA ILE B 179 -12.16 -16.52 0.55
C ILE B 179 -11.66 -17.96 0.62
N SER B 180 -12.20 -18.74 1.56
CA SER B 180 -11.83 -20.16 1.66
C SER B 180 -12.48 -20.97 0.55
N ASP B 181 -11.93 -22.15 0.30
CA ASP B 181 -12.50 -23.11 -0.64
C ASP B 181 -13.94 -23.48 -0.26
N SER B 182 -14.19 -23.66 1.04
CA SER B 182 -15.53 -24.01 1.55
C SER B 182 -16.55 -22.89 1.35
N GLU B 183 -16.11 -21.63 1.53
CA GLU B 183 -16.95 -20.48 1.23
C GLU B 183 -17.23 -20.37 -0.27
N ALA B 184 -16.21 -20.66 -1.09
CA ALA B 184 -16.36 -20.64 -2.56
C ALA B 184 -17.45 -21.60 -3.05
N ASP B 185 -17.58 -22.74 -2.36
CA ASP B 185 -18.54 -23.79 -2.76
C ASP B 185 -20.00 -23.42 -2.53
N VAL B 186 -20.27 -22.55 -1.54
CA VAL B 186 -21.66 -22.13 -1.25
C VAL B 186 -22.06 -20.84 -1.95
N ARG B 187 -21.10 -20.17 -2.60
CA ARG B 187 -21.36 -18.94 -3.34
C ARG B 187 -22.39 -19.18 -4.44
N GLU B 188 -23.42 -18.34 -4.49
CA GLU B 188 -24.47 -18.41 -5.51
C GLU B 188 -23.91 -18.31 -6.93
N GLU B 189 -23.09 -17.29 -7.19
CA GLU B 189 -22.46 -17.08 -8.48
C GLU B 189 -21.00 -17.56 -8.44
N ASP B 190 -20.67 -18.47 -9.34
CA ASP B 190 -19.35 -19.10 -9.36
C ASP B 190 -18.47 -18.66 -10.53
N SER B 191 -18.97 -17.74 -11.36
CA SER B 191 -18.29 -17.34 -12.60
C SER B 191 -17.04 -16.48 -12.40
N TYR B 192 -16.86 -15.94 -11.19
CA TYR B 192 -15.75 -15.02 -10.92
C TYR B 192 -14.72 -15.58 -9.94
N LEU B 193 -14.85 -16.88 -9.62
CA LEU B 193 -13.93 -17.55 -8.73
C LEU B 193 -12.63 -17.93 -9.44
N PHE B 194 -11.52 -17.69 -8.76
CA PHE B 194 -10.20 -18.11 -9.24
C PHE B 194 -9.50 -18.89 -8.13
N ASP B 195 -9.20 -20.16 -8.40
CA ASP B 195 -8.47 -21.01 -7.45
C ASP B 195 -7.00 -20.63 -7.33
N LEU B 196 -6.51 -20.54 -6.10
CA LEU B 196 -5.13 -20.13 -5.84
C LEU B 196 -4.10 -21.27 -5.80
N VAL B 203 -6.82 -24.63 0.91
CA VAL B 203 -6.89 -24.07 -0.43
C VAL B 203 -7.83 -22.85 -0.46
N TYR B 204 -7.38 -21.79 -1.11
CA TYR B 204 -8.13 -20.52 -1.11
C TYR B 204 -8.49 -20.04 -2.50
N CYS B 205 -9.39 -19.07 -2.56
N CYS B 205 -9.34 -19.02 -2.55
CA CYS B 205 -9.91 -18.55 -3.82
CA CYS B 205 -9.93 -18.56 -3.80
C CYS B 205 -9.99 -17.03 -3.79
C CYS B 205 -10.06 -17.04 -3.80
N ILE B 206 -9.93 -16.44 -4.98
CA ILE B 206 -10.27 -15.02 -5.15
C ILE B 206 -11.63 -14.99 -5.83
N ASP B 207 -12.60 -14.35 -5.19
CA ASP B 207 -13.92 -14.16 -5.78
C ASP B 207 -14.07 -12.69 -6.22
N ALA B 208 -14.17 -12.48 -7.54
CA ALA B 208 -14.28 -11.14 -8.09
C ALA B 208 -15.72 -10.71 -8.33
N ARG B 209 -16.69 -11.50 -7.83
CA ARG B 209 -18.11 -11.19 -8.03
C ARG B 209 -18.56 -9.87 -7.40
N PHE B 210 -18.30 -9.70 -6.10
CA PHE B 210 -18.78 -8.52 -5.36
C PHE B 210 -17.76 -7.39 -5.32
N TYR B 211 -16.47 -7.76 -5.25
CA TYR B 211 -15.36 -6.82 -5.26
C TYR B 211 -14.38 -7.31 -6.29
N GLY B 212 -13.97 -6.44 -7.21
CA GLY B 212 -13.01 -6.84 -8.24
C GLY B 212 -12.46 -5.68 -9.03
N ASN B 213 -11.51 -5.98 -9.90
CA ASN B 213 -10.95 -4.98 -10.78
C ASN B 213 -11.27 -5.31 -12.25
N VAL B 214 -10.55 -4.67 -13.16
CA VAL B 214 -10.79 -4.83 -14.60
C VAL B 214 -10.69 -6.27 -15.09
N SER B 215 -9.87 -7.08 -14.41
CA SER B 215 -9.66 -8.48 -14.80
C SER B 215 -10.91 -9.36 -14.76
N ARG B 216 -11.90 -8.97 -13.97
CA ARG B 216 -13.13 -9.73 -13.82
C ARG B 216 -13.94 -9.74 -15.14
N PHE B 217 -13.53 -8.91 -16.09
CA PHE B 217 -14.22 -8.76 -17.37
C PHE B 217 -13.45 -9.42 -18.53
N ILE B 218 -12.33 -10.06 -18.25
CA ILE B 218 -11.54 -10.72 -19.30
C ILE B 218 -12.17 -12.07 -19.69
N ASN B 219 -12.48 -12.20 -20.98
CA ASN B 219 -13.11 -13.42 -21.51
C ASN B 219 -12.10 -14.55 -21.73
N HIS B 220 -12.62 -15.78 -21.82
CA HIS B 220 -11.82 -16.95 -22.12
C HIS B 220 -11.41 -16.99 -23.60
N HIS B 221 -10.18 -17.43 -23.85
CA HIS B 221 -9.71 -17.74 -25.20
C HIS B 221 -8.89 -19.03 -25.17
N CYS B 222 -9.07 -19.88 -26.18
CA CYS B 222 -8.38 -21.17 -26.24
C CYS B 222 -6.92 -21.05 -26.66
N GLU B 223 -6.59 -19.97 -27.36
CA GLU B 223 -5.21 -19.61 -27.73
C GLU B 223 -4.87 -18.24 -27.14
N PRO B 224 -4.73 -18.16 -25.81
CA PRO B 224 -4.84 -16.88 -25.12
C PRO B 224 -3.62 -15.97 -25.29
N ASN B 225 -3.85 -14.66 -25.28
CA ASN B 225 -2.77 -13.69 -25.31
C ASN B 225 -2.28 -13.29 -23.91
N LEU B 226 -2.91 -13.87 -22.89
CA LEU B 226 -2.49 -13.68 -21.48
C LEU B 226 -2.31 -15.02 -20.77
N VAL B 227 -1.33 -15.08 -19.86
CA VAL B 227 -1.15 -16.24 -18.99
C VAL B 227 -1.09 -15.78 -17.53
N PRO B 228 -1.86 -16.46 -16.63
CA PRO B 228 -1.74 -16.12 -15.21
C PRO B 228 -0.53 -16.76 -14.55
N VAL B 229 0.16 -15.97 -13.72
CA VAL B 229 1.37 -16.39 -13.00
C VAL B 229 1.18 -16.06 -11.52
N ARG B 230 1.60 -16.98 -10.65
CA ARG B 230 1.52 -16.80 -9.21
C ARG B 230 2.71 -15.98 -8.75
N VAL B 231 2.44 -14.90 -8.01
CA VAL B 231 3.50 -13.97 -7.61
C VAL B 231 3.43 -13.68 -6.12
N PHE B 232 4.61 -13.50 -5.51
CA PHE B 232 4.74 -13.10 -4.11
C PHE B 232 5.49 -11.79 -4.04
N MET B 233 4.98 -10.87 -3.21
CA MET B 233 5.55 -9.55 -3.08
C MET B 233 5.72 -9.19 -1.60
N ALA B 234 4.70 -8.61 -0.97
CA ALA B 234 4.86 -8.09 0.39
C ALA B 234 4.88 -9.18 1.46
N HIS B 235 4.32 -10.34 1.13
CA HIS B 235 4.36 -11.51 2.02
C HIS B 235 4.76 -12.75 1.22
N GLN B 236 5.17 -13.80 1.93
CA GLN B 236 5.53 -15.03 1.24
C GLN B 236 4.75 -16.20 1.84
N ASP B 237 3.48 -15.95 2.15
CA ASP B 237 2.58 -17.01 2.63
C ASP B 237 2.08 -17.77 1.40
N LEU B 238 2.59 -18.98 1.21
CA LEU B 238 2.38 -19.73 -0.05
C LEU B 238 0.91 -20.15 -0.30
N ARG B 239 0.07 -20.02 0.72
CA ARG B 239 -1.37 -20.28 0.60
C ARG B 239 -2.04 -19.18 -0.22
N PHE B 240 -1.35 -18.03 -0.33
CA PHE B 240 -1.95 -16.81 -0.85
C PHE B 240 -1.15 -16.14 -1.96
N PRO B 241 -0.92 -16.87 -3.07
CA PRO B 241 -0.27 -16.21 -4.19
C PRO B 241 -1.20 -15.14 -4.76
N ARG B 242 -0.62 -14.14 -5.40
CA ARG B 242 -1.41 -13.15 -6.14
C ARG B 242 -1.31 -13.53 -7.62
N ILE B 243 -2.37 -13.24 -8.37
CA ILE B 243 -2.47 -13.75 -9.74
C ILE B 243 -2.18 -12.62 -10.71
N ALA B 244 -1.10 -12.77 -11.48
CA ALA B 244 -0.66 -11.72 -12.41
C ALA B 244 -0.75 -12.22 -13.84
N PHE B 245 -1.44 -11.45 -14.69
CA PHE B 245 -1.53 -11.79 -16.13
C PHE B 245 -0.42 -11.12 -16.90
N PHE B 246 0.35 -11.94 -17.64
CA PHE B 246 1.40 -11.43 -18.53
C PHE B 246 1.04 -11.78 -19.96
N SER B 247 1.42 -10.93 -20.90
CA SER B 247 1.16 -11.20 -22.33
C SER B 247 2.04 -12.34 -22.82
N THR B 248 1.46 -13.24 -23.62
CA THR B 248 2.16 -14.42 -24.15
C THR B 248 2.79 -14.13 -25.50
N ARG B 249 2.43 -12.98 -26.07
N ARG B 249 2.43 -12.97 -26.05
CA ARG B 249 2.84 -12.56 -27.40
CA ARG B 249 2.89 -12.53 -27.36
C ARG B 249 2.53 -11.08 -27.55
C ARG B 249 2.75 -11.01 -27.45
N LEU B 250 3.00 -10.48 -28.63
CA LEU B 250 2.68 -9.09 -28.94
C LEU B 250 1.15 -8.99 -29.04
N ILE B 251 0.60 -8.07 -28.25
CA ILE B 251 -0.83 -7.77 -28.31
C ILE B 251 -0.95 -6.43 -28.99
N GLU B 252 -1.60 -6.41 -30.15
CA GLU B 252 -1.71 -5.19 -30.94
C GLU B 252 -2.78 -4.27 -30.37
N ALA B 253 -2.59 -2.97 -30.53
CA ALA B 253 -3.57 -1.96 -30.14
C ALA B 253 -4.95 -2.32 -30.68
N GLY B 254 -5.93 -2.38 -29.79
CA GLY B 254 -7.31 -2.70 -30.13
C GLY B 254 -7.71 -4.14 -29.90
N GLU B 255 -6.74 -5.02 -29.70
CA GLU B 255 -7.00 -6.44 -29.53
C GLU B 255 -7.62 -6.75 -28.18
N GLN B 256 -8.58 -7.67 -28.17
CA GLN B 256 -9.20 -8.13 -26.94
C GLN B 256 -8.24 -8.99 -26.13
N LEU B 257 -8.17 -8.73 -24.83
CA LEU B 257 -7.43 -9.58 -23.89
C LEU B 257 -8.20 -10.87 -23.64
N GLY B 258 -7.48 -11.98 -23.54
CA GLY B 258 -8.07 -13.25 -23.15
C GLY B 258 -7.07 -14.13 -22.42
N PHE B 259 -7.59 -15.02 -21.58
CA PHE B 259 -6.76 -16.07 -20.97
C PHE B 259 -7.53 -17.39 -20.89
N ASP B 260 -6.80 -18.49 -20.70
CA ASP B 260 -7.42 -19.80 -20.58
C ASP B 260 -7.99 -19.99 -19.18
N TYR B 261 -9.32 -19.97 -19.06
CA TYR B 261 -10.00 -20.18 -17.78
C TYR B 261 -9.63 -21.52 -17.16
N GLY B 262 -9.37 -22.52 -18.01
CA GLY B 262 -8.94 -23.83 -17.55
C GLY B 262 -10.04 -24.86 -17.44
N GLU B 263 -9.64 -26.10 -17.14
CA GLU B 263 -10.54 -27.25 -17.08
C GLU B 263 -11.54 -27.18 -15.92
N ARG B 264 -11.10 -26.62 -14.78
CA ARG B 264 -11.96 -26.50 -13.59
C ARG B 264 -13.13 -25.53 -13.76
N PHE B 265 -13.11 -24.76 -14.85
CA PHE B 265 -14.21 -23.86 -15.19
C PHE B 265 -15.16 -24.52 -16.20
N TRP B 266 -14.60 -25.01 -17.31
CA TRP B 266 -15.41 -25.53 -18.43
C TRP B 266 -16.10 -26.86 -18.15
N ASP B 267 -15.53 -27.67 -17.25
CA ASP B 267 -16.18 -28.89 -16.78
C ASP B 267 -17.55 -28.62 -16.15
N ILE B 268 -17.73 -27.40 -15.64
CA ILE B 268 -18.98 -26.98 -15.01
C ILE B 268 -19.79 -26.13 -15.98
N LYS B 269 -19.13 -25.14 -16.60
CA LYS B 269 -19.81 -24.13 -17.41
C LYS B 269 -20.06 -24.53 -18.87
N GLY B 270 -19.37 -25.58 -19.32
CA GLY B 270 -19.59 -26.13 -20.66
C GLY B 270 -21.01 -26.67 -20.82
N LYS B 271 -21.57 -27.11 -19.69
CA LYS B 271 -22.93 -27.64 -19.63
C LYS B 271 -24.02 -26.57 -19.72
N LEU B 272 -23.61 -25.30 -19.81
CA LEU B 272 -24.55 -24.18 -19.87
C LEU B 272 -24.38 -23.33 -21.12
N PHE B 273 -23.14 -23.21 -21.58
CA PHE B 273 -22.79 -22.50 -22.81
C PHE B 273 -21.50 -23.06 -23.38
N SER B 274 -21.24 -22.74 -24.64
CA SER B 274 -20.01 -23.17 -25.30
C SER B 274 -19.16 -21.95 -25.68
N CYS B 275 -17.87 -22.20 -25.90
CA CYS B 275 -16.91 -21.15 -26.17
C CYS B 275 -17.11 -20.50 -27.53
N ARG B 276 -17.06 -19.16 -27.56
CA ARG B 276 -17.19 -18.37 -28.77
C ARG B 276 -15.93 -17.54 -29.06
N CYS B 277 -14.76 -18.08 -28.71
CA CYS B 277 -13.48 -17.40 -28.93
C CYS B 277 -13.12 -17.33 -30.41
N GLY B 278 -13.54 -18.34 -31.16
CA GLY B 278 -13.37 -18.36 -32.61
C GLY B 278 -12.13 -19.08 -33.10
N SER B 279 -11.22 -19.40 -32.17
CA SER B 279 -9.94 -20.03 -32.52
C SER B 279 -10.14 -21.31 -33.33
N PRO B 280 -9.37 -21.45 -34.44
CA PRO B 280 -9.31 -22.69 -35.21
C PRO B 280 -8.91 -23.88 -34.35
N LYS B 281 -8.24 -23.60 -33.23
CA LYS B 281 -7.83 -24.62 -32.27
C LYS B 281 -8.67 -24.61 -30.98
N CYS B 282 -9.94 -24.24 -31.10
CA CYS B 282 -10.85 -24.21 -29.95
C CYS B 282 -11.04 -25.60 -29.34
N ARG B 283 -11.08 -25.64 -28.01
CA ARG B 283 -11.19 -26.90 -27.27
C ARG B 283 -12.51 -26.97 -26.49
N HIS B 284 -13.36 -25.97 -26.67
CA HIS B 284 -14.64 -25.88 -25.97
C HIS B 284 -15.77 -25.33 -26.87
N SER B 285 -15.73 -25.71 -28.16
CA SER B 285 -16.72 -25.24 -29.14
C SER B 285 -18.06 -25.96 -28.99
N LYS C 2 4.09 2.67 33.33
CA LYS C 2 4.68 1.59 32.53
C LYS C 2 6.17 1.41 32.81
N GLN C 3 6.72 0.28 32.39
CA GLN C 3 8.12 -0.05 32.63
C GLN C 3 9.04 0.59 31.61
N THR C 4 8.47 0.97 30.47
CA THR C 4 9.23 1.59 29.40
C THR C 4 8.65 2.96 29.01
N ALA C 5 9.54 3.84 28.53
CA ALA C 5 9.16 5.16 28.04
C ALA C 5 8.28 4.98 26.79
N ARG C 6 7.21 5.77 26.73
CA ARG C 6 6.30 5.77 25.58
C ARG C 6 6.08 7.22 25.18
N MLY C 7 6.40 7.49 23.71
CA MLY C 7 5.77 8.72 23.23
CB MLY C 7 6.25 9.01 21.80
CG MLY C 7 7.77 9.04 21.77
CD MLY C 7 8.31 8.86 20.33
CE MLY C 7 9.84 8.97 20.27
NZ MLY C 7 10.33 8.94 18.86
CH1 MLY C 7 11.79 8.88 18.87
CH2 MLY C 7 9.96 10.13 18.06
C MLY C 7 4.26 8.55 23.21
O MLY C 7 3.72 7.45 23.24
N SER C 8 3.36 9.81 23.22
CA SER C 8 1.89 9.61 23.18
C SER C 8 1.32 10.88 22.65
N THR C 9 0.05 10.85 22.30
CA THR C 9 -0.68 12.07 21.96
C THR C 9 -1.07 12.77 23.28
N THR D 4 -18.75 -25.90 -7.73
CA THR D 4 -18.69 -24.56 -8.39
C THR D 4 -17.58 -24.49 -9.43
N ALA D 5 -17.77 -23.65 -10.44
CA ALA D 5 -16.74 -23.41 -11.44
C ALA D 5 -15.59 -22.63 -10.82
N ARG D 6 -14.34 -22.98 -11.17
CA ARG D 6 -13.16 -22.17 -10.83
C ARG D 6 -12.22 -21.89 -12.00
N MLY D 7 -11.84 -20.64 -12.22
CA MLY D 7 -10.63 -20.34 -12.98
CB MLY D 7 -10.62 -18.90 -13.39
CG MLY D 7 -11.97 -18.52 -14.02
CD MLY D 7 -12.47 -17.19 -13.45
CE MLY D 7 -13.37 -16.45 -14.46
NZ MLY D 7 -13.33 -15.00 -14.19
CH1 MLY D 7 -14.68 -14.46 -14.29
CH2 MLY D 7 -12.48 -14.28 -15.15
C MLY D 7 -9.35 -20.82 -12.26
O MLY D 7 -9.38 -21.03 -11.10
N SER D 8 -8.28 -21.06 -13.00
CA SER D 8 -7.10 -21.77 -12.45
C SER D 8 -5.73 -21.47 -13.11
N THR D 9 -4.62 -21.74 -12.39
CA THR D 9 -3.21 -21.78 -12.78
C THR D 9 -2.63 -20.40 -13.09
ZN ZN E . -15.64 8.84 2.06
ZN ZN F . -14.14 11.11 -0.65
ZN ZN G . -17.55 11.95 0.80
ZN ZN H . 12.35 21.18 26.53
N SAH I . 18.21 11.92 18.36
CA SAH I . 17.68 10.54 18.16
CB SAH I . 16.32 10.56 17.46
CG SAH I . 15.15 10.64 18.43
SD SAH I . 15.01 9.12 19.40
C SAH I . 18.71 9.64 17.47
O SAH I . 18.47 8.46 17.18
OXT SAH I . 19.81 10.09 17.17
C5' SAH I . 14.69 9.94 20.99
C4' SAH I . 15.97 10.11 21.81
O4' SAH I . 16.70 11.19 21.25
C3' SAH I . 15.77 10.45 23.28
O3' SAH I . 15.74 9.31 24.10
C2' SAH I . 17.00 11.29 23.56
O2' SAH I . 18.13 10.45 23.71
C1' SAH I . 17.16 12.07 22.27
N9 SAH I . 16.35 13.31 22.36
C8 SAH I . 15.25 13.65 21.62
N7 SAH I . 14.78 14.86 22.01
C5 SAH I . 15.58 15.31 23.01
C6 SAH I . 15.56 16.48 23.76
N6 SAH I . 14.63 17.43 23.56
N1 SAH I . 16.53 16.66 24.75
C2 SAH I . 17.48 15.70 24.95
N3 SAH I . 17.51 14.55 24.19
C4 SAH I . 16.56 14.35 23.23
N SAH J . -18.38 -11.39 -20.57
CA SAH J . -18.42 -11.13 -19.10
CB SAH J . -17.00 -10.97 -18.56
CG SAH J . -16.29 -12.27 -18.20
SD SAH J . -17.08 -13.15 -16.82
C SAH J . -19.29 -9.91 -18.77
O SAH J . -19.40 -9.49 -17.62
OXT SAH J . -19.90 -9.29 -19.66
C5' SAH J . -17.07 -14.75 -17.66
C4' SAH J . -18.40 -14.99 -18.33
O4' SAH J . -18.41 -14.42 -19.63
C3' SAH J . -18.71 -16.48 -18.48
O3' SAH J . -19.57 -16.96 -17.48
C2' SAH J . -19.38 -16.54 -19.84
O2' SAH J . -20.78 -16.39 -19.67
C1' SAH J . -18.81 -15.36 -20.61
N9 SAH J . -17.66 -15.80 -21.43
C8 SAH J . -16.33 -15.60 -21.17
N7 SAH J . -15.58 -16.14 -22.15
C5 SAH J . -16.43 -16.70 -23.06
C6 SAH J . -16.20 -17.39 -24.25
N6 SAH J . -14.97 -17.62 -24.70
N1 SAH J . -17.29 -17.86 -24.98
C2 SAH J . -18.58 -17.63 -24.52
N3 SAH J . -18.79 -16.95 -23.33
C4 SAH J . -17.73 -16.49 -22.62
ZN ZN K . 15.14 -8.90 -2.94
ZN ZN L . 15.78 -6.06 -5.43
ZN ZN M . 18.43 -8.71 -4.93
ZN ZN N . -12.41 -21.26 -27.72
#